data_1K9W
#
_entry.id   1K9W
#
_cell.length_a   122.070
_cell.length_b   27.320
_cell.length_c   92.100
_cell.angle_alpha   90.00
_cell.angle_beta   93.47
_cell.angle_gamma   90.00
#
_symmetry.space_group_name_H-M   'C 1 2 1'
#
loop_
_entity.id
_entity.type
_entity.pdbx_description
1 polymer 'HIV-1 DIS(Mal)UU RNA'
2 non-polymer 'MAGNESIUM ION'
#
_entity_poly.entity_id   1
_entity_poly.type   'polyribonucleotide'
_entity_poly.pdbx_seq_one_letter_code
;UUUGCUGAGGUGCACACAGCAAU
;
_entity_poly.pdbx_strand_id   A,B,C,D
#
loop_
_chem_comp.id
_chem_comp.type
_chem_comp.name
_chem_comp.formula
A RNA linking ADENOSINE-5'-MONOPHOSPHATE 'C10 H14 N5 O7 P'
C RNA linking CYTIDINE-5'-MONOPHOSPHATE 'C9 H14 N3 O8 P'
G RNA linking GUANOSINE-5'-MONOPHOSPHATE 'C10 H14 N5 O8 P'
MG non-polymer 'MAGNESIUM ION' 'Mg 2'
U RNA linking URIDINE-5'-MONOPHOSPHATE 'C9 H13 N2 O9 P'
#
# COMPACT_ATOMS: atom_id res chain seq x y z
MG MG E . 9.00 -8.20 7.57
MG MG F . 2.24 -8.97 14.50
MG MG G . -17.64 -18.11 17.10
MG MG H . 6.40 35.28 -39.16
#